data_3LYH
#
_entry.id   3LYH
#
_cell.length_a   37.836
_cell.length_b   38.615
_cell.length_c   39.845
_cell.angle_alpha   70.350
_cell.angle_beta   83.050
_cell.angle_gamma   72.090
#
_symmetry.space_group_name_H-M   'P 1'
#
loop_
_entity.id
_entity.type
_entity.pdbx_description
1 polymer 'Cobalamin (Vitamin B12) biosynthesis CbiX protein'
2 water water
#
_entity_poly.entity_id   1
_entity_poly.type   'polypeptide(L)'
_entity_poly.pdbx_seq_one_letter_code
;G(MSE)TQPHQIILLAHGSSDARWCETFEKLAEPTVESIENAAIAY(MSE)ELAEPSLDTIVNRAKGQGVEQFTVVPLFL
AAGRHLRKDVPA(MSE)IERLEAEHGVTIRLAEPIGKNPRLGLAIRDVVKEELERSEH
;
_entity_poly.pdbx_strand_id   A,B
#
# COMPACT_ATOMS: atom_id res chain seq x y z
N PRO A 5 -5.37 27.41 9.49
CA PRO A 5 -3.94 27.24 9.27
C PRO A 5 -3.66 26.25 8.10
N HIS A 6 -3.39 24.98 8.41
CA HIS A 6 -2.98 23.95 7.43
C HIS A 6 -3.59 22.59 7.82
N GLN A 7 -3.96 21.79 6.81
CA GLN A 7 -4.61 20.51 6.96
C GLN A 7 -3.94 19.43 6.12
N ILE A 8 -3.77 18.25 6.68
CA ILE A 8 -3.21 17.13 5.95
C ILE A 8 -4.35 16.15 5.61
N ILE A 9 -4.34 15.68 4.36
CA ILE A 9 -5.35 14.82 3.82
C ILE A 9 -4.67 13.57 3.25
N LEU A 10 -5.13 12.40 3.70
CA LEU A 10 -4.69 11.10 3.17
CA LEU A 10 -4.69 11.11 3.16
C LEU A 10 -5.62 10.80 1.98
N LEU A 11 -5.07 10.63 0.79
CA LEU A 11 -5.89 10.41 -0.40
C LEU A 11 -5.84 8.95 -0.82
N ALA A 12 -6.97 8.27 -0.80
CA ALA A 12 -7.08 6.88 -1.21
C ALA A 12 -7.91 6.78 -2.50
N HIS A 13 -7.66 5.69 -3.22
N HIS A 13 -7.74 5.70 -3.24
CA HIS A 13 -8.60 5.21 -4.21
CA HIS A 13 -8.46 5.55 -4.50
C HIS A 13 -9.82 4.75 -3.43
C HIS A 13 -9.96 5.70 -4.32
N GLY A 14 -10.96 5.27 -3.83
N GLY A 14 -10.55 4.91 -3.41
CA GLY A 14 -12.16 4.86 -3.24
CA GLY A 14 -11.99 4.82 -3.30
C GLY A 14 -12.64 3.60 -3.93
C GLY A 14 -12.60 3.55 -3.93
N SER A 15 -13.76 3.13 -3.43
CA SER A 15 -14.41 1.92 -3.89
C SER A 15 -15.86 1.92 -3.46
N SER A 16 -16.71 1.20 -4.22
CA SER A 16 -18.05 0.90 -3.80
C SER A 16 -18.11 -0.31 -2.89
N ASP A 17 -16.99 -1.02 -2.74
CA ASP A 17 -16.92 -2.18 -1.83
C ASP A 17 -16.69 -1.66 -0.39
N ALA A 18 -17.70 -1.85 0.48
CA ALA A 18 -17.63 -1.44 1.90
C ALA A 18 -16.39 -2.02 2.59
N ARG A 19 -15.99 -3.22 2.19
CA ARG A 19 -14.81 -3.86 2.80
C ARG A 19 -13.53 -3.08 2.49
N TRP A 20 -13.42 -2.58 1.26
CA TRP A 20 -12.28 -1.78 0.84
CA TRP A 20 -12.27 -1.81 0.87
C TRP A 20 -12.22 -0.51 1.68
N CYS A 21 -13.33 0.21 1.74
CA CYS A 21 -13.38 1.45 2.50
C CYS A 21 -13.06 1.20 3.98
N GLU A 22 -13.51 0.09 4.53
CA GLU A 22 -13.32 -0.16 5.97
C GLU A 22 -11.84 -0.37 6.20
N THR A 23 -11.19 -1.09 5.29
CA THR A 23 -9.74 -1.35 5.40
C THR A 23 -8.97 -0.04 5.37
N PHE A 24 -9.32 0.86 4.45
CA PHE A 24 -8.65 2.17 4.39
C PHE A 24 -8.94 3.07 5.58
N GLU A 25 -10.18 3.03 6.10
CA GLU A 25 -10.50 3.79 7.31
C GLU A 25 -9.64 3.32 8.49
N LYS A 26 -9.45 2.02 8.62
CA LYS A 26 -8.57 1.51 9.65
CA LYS A 26 -8.57 1.51 9.65
C LYS A 26 -7.11 1.90 9.39
N LEU A 27 -6.65 1.83 8.15
CA LEU A 27 -5.28 2.31 7.77
C LEU A 27 -5.01 3.77 8.12
N ALA A 28 -6.03 4.60 7.98
CA ALA A 28 -5.95 6.03 8.28
C ALA A 28 -6.13 6.33 9.78
N GLU A 29 -6.68 5.40 10.57
CA GLU A 29 -7.13 5.67 11.94
CA GLU A 29 -7.15 5.74 11.91
C GLU A 29 -6.01 6.23 12.85
N PRO A 30 -4.81 5.60 12.82
CA PRO A 30 -3.77 6.10 13.74
C PRO A 30 -3.39 7.55 13.40
N THR A 31 -3.33 7.88 12.10
CA THR A 31 -3.15 9.27 11.70
C THR A 31 -4.29 10.21 12.11
N VAL A 32 -5.52 9.81 11.84
CA VAL A 32 -6.67 10.65 12.18
C VAL A 32 -6.79 10.91 13.70
N GLU A 33 -6.50 9.89 14.47
CA GLU A 33 -6.54 10.01 15.94
C GLU A 33 -5.42 10.87 16.49
N SER A 34 -4.26 10.83 15.84
CA SER A 34 -3.03 11.44 16.36
CA SER A 34 -3.03 11.43 16.38
C SER A 34 -2.84 12.88 15.92
N ILE A 35 -3.18 13.17 14.66
CA ILE A 35 -2.90 14.47 14.04
C ILE A 35 -4.16 15.32 13.90
N GLU A 36 -4.08 16.55 14.45
CA GLU A 36 -5.20 17.49 14.46
C GLU A 36 -5.79 17.71 13.06
N ASN A 37 -7.09 17.44 12.93
CA ASN A 37 -7.83 17.66 11.69
C ASN A 37 -7.38 16.88 10.43
N ALA A 38 -6.38 15.99 10.55
CA ALA A 38 -6.08 15.04 9.44
C ALA A 38 -7.35 14.27 9.07
N ALA A 39 -7.51 13.99 7.79
CA ALA A 39 -8.64 13.25 7.31
C ALA A 39 -8.29 12.43 6.09
N ILE A 40 -9.03 11.33 5.90
CA ILE A 40 -8.99 10.56 4.66
C ILE A 40 -10.04 11.09 3.71
N ALA A 41 -9.66 11.14 2.44
CA ALA A 41 -10.55 11.43 1.35
C ALA A 41 -10.32 10.44 0.23
N TYR A 42 -11.33 10.32 -0.64
CA TYR A 42 -11.33 9.34 -1.72
C TYR A 42 -11.41 10.02 -3.11
N GLU A 44 -12.55 8.72 -5.84
CA GLU A 44 -13.87 8.44 -6.43
C GLU A 44 -14.67 7.49 -5.59
N LEU A 45 -15.96 7.44 -5.86
CA LEU A 45 -16.88 6.36 -5.44
C LEU A 45 -17.27 6.31 -3.97
N ALA A 46 -16.44 6.87 -3.07
CA ALA A 46 -16.72 6.86 -1.64
C ALA A 46 -16.63 8.27 -1.11
N GLU A 47 -17.43 8.55 -0.08
CA GLU A 47 -17.38 9.85 0.57
C GLU A 47 -16.48 9.72 1.78
N PRO A 48 -15.74 10.78 2.14
CA PRO A 48 -15.73 12.08 1.47
C PRO A 48 -14.77 12.16 0.29
N SER A 49 -15.16 12.91 -0.72
CA SER A 49 -14.24 13.31 -1.78
C SER A 49 -13.22 14.32 -1.32
N LEU A 50 -12.16 14.53 -2.10
CA LEU A 50 -11.27 15.68 -1.84
C LEU A 50 -11.99 17.02 -1.85
N ASP A 51 -12.94 17.22 -2.78
CA ASP A 51 -13.69 18.47 -2.81
C ASP A 51 -14.40 18.71 -1.52
N THR A 52 -15.04 17.66 -1.01
CA THR A 52 -15.75 17.75 0.24
C THR A 52 -14.85 18.16 1.41
N ILE A 53 -13.71 17.49 1.55
CA ILE A 53 -12.77 17.87 2.60
C ILE A 53 -12.25 19.29 2.43
N VAL A 54 -11.85 19.66 1.21
CA VAL A 54 -11.33 20.98 0.93
C VAL A 54 -12.39 22.08 1.18
N ASN A 55 -13.61 21.90 0.69
CA ASN A 55 -14.70 22.85 0.96
C ASN A 55 -14.97 23.05 2.44
N ARG A 56 -15.01 21.94 3.20
CA ARG A 56 -15.23 22.02 4.65
C ARG A 56 -14.10 22.75 5.37
N ALA A 57 -12.84 22.42 5.03
CA ALA A 57 -11.66 23.06 5.61
C ALA A 57 -11.58 24.55 5.32
N LYS A 58 -11.89 24.90 4.08
CA LYS A 58 -11.86 26.28 3.63
C LYS A 58 -12.89 27.11 4.39
N GLY A 59 -14.08 26.57 4.57
CA GLY A 59 -15.10 27.20 5.41
C GLY A 59 -14.65 27.50 6.83
N GLN A 60 -13.75 26.66 7.35
CA GLN A 60 -13.17 26.79 8.69
C GLN A 60 -11.89 27.65 8.73
N GLY A 61 -11.50 28.26 7.60
CA GLY A 61 -10.35 29.14 7.53
C GLY A 61 -9.06 28.57 6.96
N VAL A 62 -9.10 27.32 6.49
CA VAL A 62 -7.91 26.67 5.97
C VAL A 62 -7.72 26.87 4.45
N GLU A 63 -6.59 27.40 4.05
CA GLU A 63 -6.29 27.53 2.61
C GLU A 63 -4.98 26.88 2.19
N GLN A 64 -4.35 26.17 3.12
CA GLN A 64 -3.12 25.40 2.89
C GLN A 64 -3.32 23.95 3.24
N PHE A 65 -2.93 23.07 2.32
CA PHE A 65 -3.16 21.65 2.48
C PHE A 65 -1.93 20.91 2.03
N THR A 66 -1.76 19.71 2.58
CA THR A 66 -0.84 18.72 2.06
C THR A 66 -1.61 17.41 1.81
N VAL A 67 -1.50 16.88 0.61
CA VAL A 67 -2.13 15.62 0.23
C VAL A 67 -1.09 14.53 0.23
N VAL A 68 -1.35 13.49 1.04
CA VAL A 68 -0.47 12.33 1.12
C VAL A 68 -1.20 11.15 0.46
N PRO A 69 -0.72 10.72 -0.75
CA PRO A 69 -1.42 9.60 -1.39
C PRO A 69 -1.19 8.27 -0.72
N LEU A 70 -2.28 7.61 -0.31
CA LEU A 70 -2.24 6.25 0.28
C LEU A 70 -2.22 5.22 -0.85
N PHE A 71 -1.12 5.24 -1.59
CA PHE A 71 -0.88 4.36 -2.75
CA PHE A 71 -0.91 4.32 -2.68
C PHE A 71 0.47 3.70 -2.49
N LEU A 72 0.55 2.38 -2.68
CA LEU A 72 1.86 1.75 -2.71
C LEU A 72 2.68 2.13 -3.93
N ALA A 73 2.01 2.35 -5.05
CA ALA A 73 2.68 2.88 -6.24
C ALA A 73 1.70 3.62 -7.13
N ALA A 74 2.26 4.43 -8.01
CA ALA A 74 1.44 5.18 -9.00
C ALA A 74 1.92 4.82 -10.38
N GLY A 75 1.04 4.24 -11.18
CA GLY A 75 1.30 4.04 -12.63
C GLY A 75 1.18 5.30 -13.46
N ARG A 76 1.32 5.17 -14.79
CA ARG A 76 1.28 6.34 -15.70
C ARG A 76 0.04 7.22 -15.59
N HIS A 77 -1.13 6.59 -15.54
CA HIS A 77 -2.39 7.37 -15.37
C HIS A 77 -2.42 8.17 -14.04
N LEU A 78 -2.19 7.52 -12.90
CA LEU A 78 -2.16 8.22 -11.59
C LEU A 78 -1.17 9.36 -11.60
N ARG A 79 -0.01 9.15 -12.21
CA ARG A 79 1.04 10.21 -12.26
C ARG A 79 0.64 11.51 -12.97
N LYS A 80 -0.25 11.38 -13.94
CA LYS A 80 -0.79 12.53 -14.67
C LYS A 80 -2.03 13.02 -13.94
N ASP A 81 -2.88 12.10 -13.51
CA ASP A 81 -4.22 12.49 -13.09
C ASP A 81 -4.29 13.09 -11.70
N VAL A 82 -3.45 12.61 -10.78
CA VAL A 82 -3.52 13.14 -9.42
C VAL A 82 -3.04 14.61 -9.41
N PRO A 83 -1.86 14.92 -10.00
CA PRO A 83 -1.52 16.35 -10.03
C PRO A 83 -2.50 17.22 -10.79
N ALA A 84 -3.14 16.70 -11.84
CA ALA A 84 -4.18 17.48 -12.55
C ALA A 84 -5.35 17.76 -11.64
N ILE A 86 -5.19 17.92 -8.30
CA ILE A 86 -4.67 18.95 -7.39
C ILE A 86 -4.74 20.35 -8.00
N GLU A 87 -4.29 20.53 -9.24
CA GLU A 87 -4.38 21.86 -9.87
C GLU A 87 -5.84 22.33 -9.99
N ARG A 88 -6.71 21.40 -10.37
CA ARG A 88 -8.13 21.69 -10.52
C ARG A 88 -8.73 22.17 -9.19
N LEU A 89 -8.44 21.44 -8.11
CA LEU A 89 -8.92 21.83 -6.79
C LEU A 89 -8.41 23.19 -6.30
N GLU A 90 -7.13 23.44 -6.56
CA GLU A 90 -6.50 24.70 -6.20
C GLU A 90 -7.15 25.86 -6.89
N ALA A 91 -7.40 25.67 -8.19
CA ALA A 91 -8.02 26.73 -9.01
C ALA A 91 -9.48 26.97 -8.63
N GLU A 92 -10.23 25.90 -8.44
CA GLU A 92 -11.63 26.05 -8.10
C GLU A 92 -11.89 26.68 -6.74
N HIS A 93 -11.12 26.25 -5.73
CA HIS A 93 -11.35 26.64 -4.36
C HIS A 93 -10.46 27.75 -3.85
N GLY A 94 -9.47 28.14 -4.64
CA GLY A 94 -8.55 29.22 -4.26
C GLY A 94 -7.77 28.86 -3.03
N VAL A 95 -7.17 27.67 -3.09
CA VAL A 95 -6.33 27.13 -2.01
C VAL A 95 -5.01 26.63 -2.58
N THR A 96 -4.06 26.38 -1.69
CA THR A 96 -2.72 25.88 -2.02
C THR A 96 -2.59 24.47 -1.48
N ILE A 97 -2.21 23.54 -2.34
CA ILE A 97 -2.11 22.09 -2.00
C ILE A 97 -0.77 21.56 -2.42
N ARG A 98 0.02 21.09 -1.45
CA ARG A 98 1.25 20.40 -1.79
C ARG A 98 0.92 18.93 -1.95
N LEU A 99 1.28 18.33 -3.07
CA LEU A 99 1.15 16.91 -3.26
C LEU A 99 2.45 16.22 -2.82
N ALA A 100 2.37 15.49 -1.70
CA ALA A 100 3.46 14.65 -1.27
C ALA A 100 3.57 13.40 -2.15
N GLU A 101 4.74 12.79 -2.10
CA GLU A 101 4.96 11.53 -2.75
C GLU A 101 4.02 10.43 -2.18
N PRO A 102 3.72 9.39 -2.97
CA PRO A 102 2.92 8.27 -2.43
C PRO A 102 3.64 7.55 -1.28
N ILE A 103 2.88 7.06 -0.32
CA ILE A 103 3.47 6.39 0.82
C ILE A 103 4.36 5.23 0.41
N GLY A 104 4.05 4.58 -0.70
CA GLY A 104 4.92 3.48 -1.16
C GLY A 104 6.36 3.84 -1.51
N LYS A 105 6.64 5.12 -1.73
CA LYS A 105 8.00 5.58 -1.96
C LYS A 105 8.81 5.77 -0.70
N ASN A 106 8.16 5.76 0.45
CA ASN A 106 8.85 6.04 1.71
C ASN A 106 9.45 4.75 2.25
N PRO A 107 10.74 4.83 2.64
CA PRO A 107 11.42 3.66 3.18
C PRO A 107 10.75 3.06 4.43
N ARG A 108 9.98 3.83 5.20
CA ARG A 108 9.27 3.27 6.33
C ARG A 108 8.32 2.16 5.95
N LEU A 109 7.77 2.20 4.73
CA LEU A 109 6.82 1.16 4.32
CA LEU A 109 6.82 1.15 4.33
C LEU A 109 7.56 -0.17 4.06
N GLY A 110 8.75 -0.10 3.46
CA GLY A 110 9.55 -1.28 3.26
C GLY A 110 9.91 -1.94 4.58
N LEU A 111 10.25 -1.11 5.56
CA LEU A 111 10.56 -1.61 6.89
C LEU A 111 9.34 -2.25 7.60
N ALA A 112 8.17 -1.63 7.47
CA ALA A 112 6.95 -2.19 8.01
C ALA A 112 6.64 -3.55 7.38
N ILE A 113 6.82 -3.65 6.06
CA ILE A 113 6.58 -4.91 5.36
C ILE A 113 7.47 -6.03 5.95
N ARG A 114 8.75 -5.75 6.14
CA ARG A 114 9.64 -6.71 6.79
C ARG A 114 9.12 -7.16 8.17
N ASP A 115 8.65 -6.20 8.99
CA ASP A 115 8.07 -6.52 10.29
C ASP A 115 6.84 -7.43 10.17
N VAL A 116 6.00 -7.16 9.18
CA VAL A 116 4.84 -7.97 8.95
C VAL A 116 5.23 -9.38 8.51
N VAL A 117 6.24 -9.48 7.65
CA VAL A 117 6.74 -10.74 7.18
C VAL A 117 7.24 -11.59 8.36
N LYS A 118 7.96 -10.94 9.27
CA LYS A 118 8.48 -11.65 10.44
C LYS A 118 7.36 -12.20 11.31
N GLU A 119 6.29 -11.42 11.44
CA GLU A 119 5.07 -11.89 12.13
C GLU A 119 4.45 -13.08 11.45
N GLU A 120 4.37 -13.03 10.12
CA GLU A 120 3.81 -14.13 9.34
C GLU A 120 4.65 -15.41 9.39
N LEU A 121 5.98 -15.27 9.47
CA LEU A 121 6.87 -16.43 9.66
C LEU A 121 6.65 -17.10 11.01
N GLU A 122 6.36 -16.29 12.03
CA GLU A 122 6.10 -16.81 13.37
C GLU A 122 4.78 -17.61 13.38
N ARG A 123 3.78 -17.12 12.64
CA ARG A 123 2.54 -17.86 12.39
C ARG A 123 2.74 -19.15 11.56
N SER A 124 3.58 -19.08 10.52
CA SER A 124 3.75 -20.21 9.57
C SER A 124 4.52 -21.40 10.14
N GLN B 4 11.20 -24.18 7.96
CA GLN B 4 12.30 -25.18 7.93
C GLN B 4 12.37 -25.90 6.56
N PRO B 5 12.88 -25.20 5.50
CA PRO B 5 12.98 -23.74 5.27
C PRO B 5 11.70 -23.25 4.59
N HIS B 6 11.25 -22.06 4.98
CA HIS B 6 9.94 -21.56 4.59
C HIS B 6 10.12 -20.34 3.69
N GLN B 7 9.62 -20.45 2.46
CA GLN B 7 9.80 -19.39 1.47
C GLN B 7 8.71 -18.38 1.64
N ILE B 8 9.07 -17.11 1.75
CA ILE B 8 8.11 -16.02 1.67
C ILE B 8 8.10 -15.50 0.24
N ILE B 9 6.89 -15.36 -0.30
CA ILE B 9 6.65 -14.71 -1.58
C ILE B 9 5.85 -13.46 -1.31
N LEU B 10 6.44 -12.31 -1.60
CA LEU B 10 5.75 -11.01 -1.54
C LEU B 10 5.07 -10.84 -2.87
N LEU B 11 3.73 -10.78 -2.87
CA LEU B 11 2.97 -10.82 -4.12
C LEU B 11 2.40 -9.47 -4.46
N ALA B 12 2.80 -8.96 -5.64
CA ALA B 12 2.31 -7.64 -6.15
C ALA B 12 1.51 -7.83 -7.46
N HIS B 13 0.65 -6.87 -7.86
CA HIS B 13 0.31 -6.75 -9.33
C HIS B 13 1.49 -6.29 -10.13
N GLY B 14 1.65 -6.83 -11.33
CA GLY B 14 2.69 -6.40 -12.26
C GLY B 14 2.16 -5.37 -13.24
N SER B 15 3.03 -4.91 -14.10
CA SER B 15 2.70 -3.86 -15.03
C SER B 15 3.83 -3.84 -15.99
N SER B 16 3.57 -3.37 -17.19
CA SER B 16 4.64 -2.98 -18.08
C SER B 16 5.26 -1.64 -17.66
N ASP B 17 4.62 -0.90 -16.72
CA ASP B 17 5.15 0.40 -16.28
C ASP B 17 6.37 0.18 -15.39
N ALA B 18 7.49 0.69 -15.85
CA ALA B 18 8.77 0.52 -15.15
C ALA B 18 8.78 1.10 -13.74
N ARG B 19 8.24 2.30 -13.60
CA ARG B 19 8.15 2.97 -12.33
C ARG B 19 7.30 2.19 -11.30
N TRP B 20 6.18 1.63 -11.74
CA TRP B 20 5.34 0.81 -10.92
C TRP B 20 6.15 -0.37 -10.33
N CYS B 21 6.77 -1.15 -11.22
CA CYS B 21 7.53 -2.34 -10.79
C CYS B 21 8.70 -1.96 -9.87
N GLU B 22 9.43 -0.91 -10.22
CA GLU B 22 10.55 -0.36 -9.40
C GLU B 22 10.08 -0.03 -7.98
N THR B 23 8.91 0.59 -7.87
CA THR B 23 8.38 0.92 -6.53
C THR B 23 8.15 -0.34 -5.73
N PHE B 24 7.58 -1.39 -6.32
CA PHE B 24 7.36 -2.61 -5.58
C PHE B 24 8.64 -3.33 -5.27
N GLU B 25 9.59 -3.30 -6.18
CA GLU B 25 10.90 -3.93 -5.91
C GLU B 25 11.55 -3.28 -4.70
N LYS B 26 11.48 -1.95 -4.63
CA LYS B 26 12.01 -1.23 -3.48
CA LYS B 26 12.01 -1.23 -3.48
C LYS B 26 11.25 -1.52 -2.19
N LEU B 27 9.92 -1.64 -2.26
CA LEU B 27 9.09 -2.02 -1.11
C LEU B 27 9.49 -3.39 -0.56
N ALA B 28 9.85 -4.29 -1.48
CA ALA B 28 10.24 -5.63 -1.07
C ALA B 28 11.69 -5.74 -0.57
N GLU B 29 12.52 -4.78 -0.92
CA GLU B 29 13.98 -4.92 -0.79
C GLU B 29 14.48 -5.15 0.67
N PRO B 30 13.97 -4.41 1.65
CA PRO B 30 14.40 -4.73 3.06
C PRO B 30 14.11 -6.18 3.48
N THR B 31 12.93 -6.71 3.10
CA THR B 31 12.61 -8.11 3.37
C THR B 31 13.54 -9.06 2.65
N VAL B 32 13.64 -8.87 1.35
CA VAL B 32 14.37 -9.85 0.55
CA VAL B 32 14.41 -9.75 0.48
C VAL B 32 15.88 -9.84 0.86
N GLU B 33 16.43 -8.71 1.28
CA GLU B 33 17.85 -8.63 1.63
C GLU B 33 18.12 -9.02 3.08
N SER B 34 17.12 -8.91 3.94
CA SER B 34 17.27 -9.14 5.39
C SER B 34 16.94 -10.51 5.91
N ILE B 35 16.09 -11.23 5.18
CA ILE B 35 15.77 -12.59 5.62
CA ILE B 35 15.52 -12.52 5.55
C ILE B 35 15.99 -13.55 4.50
N GLU B 36 16.26 -14.77 4.92
CA GLU B 36 16.48 -15.82 3.95
C GLU B 36 15.20 -16.27 3.29
N ASN B 37 15.32 -16.71 2.03
CA ASN B 37 14.20 -17.36 1.33
C ASN B 37 12.96 -16.47 1.23
N ALA B 38 13.21 -15.24 0.77
CA ALA B 38 12.13 -14.28 0.53
C ALA B 38 12.31 -13.65 -0.86
N ALA B 39 11.21 -13.52 -1.61
CA ALA B 39 11.29 -13.01 -2.98
C ALA B 39 10.00 -12.28 -3.34
N ILE B 40 10.11 -11.31 -4.21
CA ILE B 40 8.90 -10.68 -4.78
C ILE B 40 8.48 -11.47 -6.02
N ALA B 41 7.16 -11.56 -6.21
CA ALA B 41 6.60 -12.12 -7.44
C ALA B 41 5.42 -11.25 -7.83
N TYR B 42 5.11 -11.31 -9.13
CA TYR B 42 4.04 -10.52 -9.72
C TYR B 42 2.93 -11.45 -10.26
N GLU B 44 0.80 -10.88 -12.59
CA GLU B 44 0.81 -10.86 -14.04
C GLU B 44 1.69 -9.78 -14.60
N LEU B 45 1.86 -9.78 -15.94
CA LEU B 45 2.51 -8.71 -16.73
C LEU B 45 4.00 -8.41 -16.49
N ALA B 46 4.58 -8.95 -15.42
CA ALA B 46 6.00 -8.74 -15.12
C ALA B 46 6.58 -10.04 -14.59
N GLU B 47 7.90 -10.18 -14.74
CA GLU B 47 8.60 -11.35 -14.17
C GLU B 47 9.36 -10.87 -12.93
N PRO B 48 9.54 -11.76 -11.95
CA PRO B 48 9.15 -13.16 -11.98
C PRO B 48 7.71 -13.39 -11.56
N SER B 49 7.08 -14.38 -12.19
CA SER B 49 5.75 -14.81 -11.87
C SER B 49 5.82 -15.66 -10.60
N LEU B 50 4.65 -15.95 -10.05
CA LEU B 50 4.55 -16.89 -8.92
C LEU B 50 5.07 -18.30 -9.27
N ASP B 51 4.75 -18.77 -10.48
CA ASP B 51 5.24 -20.05 -10.91
CA ASP B 51 5.25 -20.03 -11.02
C ASP B 51 6.77 -20.08 -10.92
N THR B 52 7.41 -19.00 -11.41
CA THR B 52 8.86 -18.93 -11.49
C THR B 52 9.52 -18.96 -10.13
N ILE B 53 8.96 -18.23 -9.17
CA ILE B 53 9.49 -18.26 -7.81
C ILE B 53 9.28 -19.63 -7.16
N VAL B 54 8.10 -20.21 -7.35
CA VAL B 54 7.83 -21.52 -6.74
C VAL B 54 8.73 -22.57 -7.37
N ASN B 55 8.84 -22.52 -8.69
CA ASN B 55 9.70 -23.44 -9.46
C ASN B 55 11.15 -23.36 -8.96
N ARG B 56 11.61 -22.13 -8.69
CA ARG B 56 12.97 -21.89 -8.21
C ARG B 56 13.23 -22.34 -6.76
N ALA B 57 12.30 -22.07 -5.86
CA ALA B 57 12.45 -22.46 -4.47
C ALA B 57 12.39 -24.00 -4.40
N LYS B 58 11.49 -24.59 -5.21
CA LYS B 58 11.29 -26.04 -5.34
C LYS B 58 12.50 -26.74 -5.92
N GLY B 59 13.05 -26.20 -7.01
CA GLY B 59 14.35 -26.65 -7.54
C GLY B 59 15.51 -26.61 -6.52
N GLN B 60 15.40 -25.79 -5.49
CA GLN B 60 16.33 -25.75 -4.36
C GLN B 60 15.85 -26.48 -3.08
N GLY B 61 14.79 -27.30 -3.20
CA GLY B 61 14.30 -28.10 -2.06
C GLY B 61 13.25 -27.51 -1.12
N VAL B 62 12.76 -26.31 -1.42
CA VAL B 62 11.74 -25.67 -0.57
C VAL B 62 10.38 -26.21 -0.96
N GLU B 63 9.63 -26.64 0.04
CA GLU B 63 8.33 -27.22 -0.15
C GLU B 63 7.19 -26.42 0.50
N GLN B 64 7.51 -25.48 1.42
CA GLN B 64 6.53 -24.75 2.23
C GLN B 64 6.69 -23.26 1.91
N PHE B 65 5.56 -22.63 1.59
CA PHE B 65 5.53 -21.24 1.15
C PHE B 65 4.46 -20.48 1.91
N THR B 66 4.67 -19.18 2.06
CA THR B 66 3.62 -18.26 2.51
C THR B 66 3.67 -17.07 1.55
N VAL B 67 2.52 -16.84 0.92
CA VAL B 67 2.27 -15.65 0.08
C VAL B 67 1.76 -14.53 0.93
N VAL B 68 2.50 -13.44 0.93
CA VAL B 68 2.14 -12.19 1.66
C VAL B 68 1.75 -11.16 0.56
N PRO B 69 0.43 -10.89 0.41
CA PRO B 69 0.02 -9.91 -0.62
C PRO B 69 0.46 -8.49 -0.31
N LEU B 70 1.17 -7.86 -1.24
CA LEU B 70 1.62 -6.47 -1.12
C LEU B 70 0.52 -5.54 -1.63
N PHE B 71 -0.58 -5.59 -0.90
CA PHE B 71 -1.84 -4.88 -1.21
C PHE B 71 -2.32 -4.21 0.07
N LEU B 72 -2.75 -2.95 -0.06
CA LEU B 72 -3.39 -2.28 1.07
C LEU B 72 -4.78 -2.78 1.35
N ALA B 73 -5.49 -3.18 0.30
CA ALA B 73 -6.78 -3.81 0.47
C ALA B 73 -6.98 -4.74 -0.70
N ALA B 74 -7.69 -5.81 -0.42
CA ALA B 74 -7.99 -6.80 -1.45
C ALA B 74 -9.14 -6.32 -2.31
N GLY B 75 -9.01 -6.51 -3.62
CA GLY B 75 -10.17 -6.48 -4.53
C GLY B 75 -11.01 -7.73 -4.35
N HIS B 77 -12.19 -9.32 -6.52
CA HIS B 77 -11.52 -9.91 -7.66
C HIS B 77 -10.30 -10.69 -7.18
N LEU B 78 -9.21 -10.01 -6.82
CA LEU B 78 -7.95 -10.67 -6.30
C LEU B 78 -8.19 -11.64 -5.09
N ARG B 79 -9.29 -11.45 -4.37
CA ARG B 79 -9.91 -12.48 -3.49
C ARG B 79 -10.23 -13.86 -4.13
N LYS B 80 -10.43 -13.90 -5.45
CA LYS B 80 -10.76 -15.14 -6.16
C LYS B 80 -9.57 -15.67 -6.95
N ASP B 81 -8.88 -14.76 -7.63
CA ASP B 81 -7.82 -15.16 -8.57
C ASP B 81 -6.64 -15.80 -7.85
N VAL B 82 -6.20 -15.22 -6.73
CA VAL B 82 -5.00 -15.69 -6.01
C VAL B 82 -5.21 -17.10 -5.40
N PRO B 83 -6.35 -17.34 -4.70
CA PRO B 83 -6.57 -18.74 -4.26
C PRO B 83 -6.58 -19.75 -5.36
N ALA B 84 -7.16 -19.42 -6.52
CA ALA B 84 -7.14 -20.39 -7.62
C ALA B 84 -5.70 -20.59 -8.16
N ILE B 86 -2.93 -20.34 -6.35
CA ILE B 86 -2.30 -21.14 -5.29
C ILE B 86 -2.68 -22.62 -5.38
N GLU B 87 -3.96 -22.94 -5.58
CA GLU B 87 -4.37 -24.32 -5.76
C GLU B 87 -3.67 -24.97 -6.96
N ARG B 88 -3.58 -24.23 -8.07
CA ARG B 88 -2.94 -24.76 -9.29
C ARG B 88 -1.44 -24.99 -9.06
N LEU B 89 -0.78 -24.04 -8.41
CA LEU B 89 0.67 -24.14 -8.17
C LEU B 89 1.01 -25.29 -7.23
N GLU B 90 0.18 -25.44 -6.20
CA GLU B 90 0.32 -26.54 -5.25
C GLU B 90 0.21 -27.89 -5.93
N ALA B 91 -0.73 -28.03 -6.86
CA ALA B 91 -0.88 -29.31 -7.61
C ALA B 91 0.22 -29.51 -8.65
N GLU B 92 0.51 -28.49 -9.43
CA GLU B 92 1.55 -28.52 -10.44
C GLU B 92 2.94 -28.78 -9.84
N HIS B 93 3.23 -28.21 -8.66
CA HIS B 93 4.56 -28.37 -8.06
C HIS B 93 4.63 -29.28 -6.84
N GLY B 94 3.51 -29.80 -6.35
CA GLY B 94 3.50 -30.60 -5.11
C GLY B 94 4.07 -29.88 -3.88
N VAL B 95 3.58 -28.68 -3.65
CA VAL B 95 3.97 -27.85 -2.51
C VAL B 95 2.74 -27.40 -1.73
N THR B 96 3.00 -26.87 -0.54
CA THR B 96 2.00 -26.29 0.39
C THR B 96 2.26 -24.77 0.45
N ILE B 97 1.23 -23.99 0.15
CA ILE B 97 1.31 -22.53 0.12
C ILE B 97 0.17 -21.94 0.94
N ARG B 98 0.54 -21.28 2.04
CA ARG B 98 -0.40 -20.52 2.84
C ARG B 98 -0.56 -19.14 2.23
N LEU B 99 -1.78 -18.64 2.21
CA LEU B 99 -2.09 -17.29 1.76
C LEU B 99 -2.32 -16.42 3.00
N ALA B 100 -1.36 -15.54 3.30
CA ALA B 100 -1.51 -14.60 4.40
C ALA B 100 -2.48 -13.48 4.04
N GLU B 101 -2.97 -12.76 5.06
CA GLU B 101 -3.77 -11.55 4.84
CA GLU B 101 -3.77 -11.56 4.79
C GLU B 101 -2.93 -10.50 4.08
N PRO B 102 -3.55 -9.59 3.31
CA PRO B 102 -2.84 -8.50 2.66
C PRO B 102 -2.20 -7.59 3.73
N ILE B 103 -1.05 -7.00 3.41
CA ILE B 103 -0.31 -6.16 4.37
C ILE B 103 -1.20 -5.03 4.96
N GLY B 104 -2.17 -4.53 4.17
CA GLY B 104 -3.01 -3.47 4.68
C GLY B 104 -3.91 -3.81 5.84
N LYS B 105 -4.13 -5.09 6.09
CA LYS B 105 -4.85 -5.56 7.28
C LYS B 105 -4.03 -5.51 8.57
N ASN B 106 -2.71 -5.33 8.46
CA ASN B 106 -1.84 -5.38 9.61
C ASN B 106 -1.80 -3.99 10.25
N PRO B 107 -1.98 -3.91 11.58
CA PRO B 107 -1.86 -2.60 12.27
C PRO B 107 -0.54 -1.89 12.05
N ARG B 108 0.52 -2.63 11.77
CA ARG B 108 1.82 -2.02 11.53
C ARG B 108 1.80 -1.01 10.38
N LEU B 109 1.00 -1.30 9.35
CA LEU B 109 0.91 -0.35 8.22
C LEU B 109 0.27 0.99 8.60
N GLY B 110 -0.79 0.96 9.36
CA GLY B 110 -1.40 2.21 9.85
C GLY B 110 -0.44 3.07 10.67
N LEU B 111 0.42 2.39 11.45
CA LEU B 111 1.41 3.12 12.21
C LEU B 111 2.50 3.71 11.34
N ALA B 112 2.95 2.95 10.34
CA ALA B 112 3.94 3.43 9.38
C ALA B 112 3.38 4.63 8.64
N ILE B 113 2.11 4.54 8.22
CA ILE B 113 1.47 5.66 7.53
C ILE B 113 1.45 6.92 8.39
N ARG B 114 1.12 6.77 9.66
CA ARG B 114 1.16 7.90 10.59
C ARG B 114 2.56 8.52 10.62
N ASP B 115 3.57 7.66 10.72
CA ASP B 115 4.94 8.12 10.78
C ASP B 115 5.33 8.93 9.52
N VAL B 116 4.89 8.46 8.34
CA VAL B 116 5.12 9.19 7.10
C VAL B 116 4.39 10.52 7.10
N VAL B 117 3.11 10.50 7.53
CA VAL B 117 2.31 11.71 7.59
C VAL B 117 2.95 12.78 8.52
N LYS B 118 3.48 12.35 9.68
CA LYS B 118 4.26 13.25 10.55
CA LYS B 118 4.24 13.28 10.54
C LYS B 118 5.47 13.88 9.86
N GLU B 119 6.21 13.09 9.07
CA GLU B 119 7.33 13.63 8.29
C GLU B 119 6.81 14.68 7.30
N GLU B 120 5.68 14.41 6.65
CA GLU B 120 5.16 15.35 5.66
C GLU B 120 4.63 16.63 6.29
N LEU B 121 4.01 16.48 7.45
CA LEU B 121 3.48 17.60 8.17
C LEU B 121 4.62 18.51 8.60
N GLU B 122 5.69 17.93 9.13
CA GLU B 122 6.88 18.71 9.49
C GLU B 122 7.43 19.46 8.30
N ARG B 123 7.54 18.78 7.18
CA ARG B 123 8.00 19.35 5.90
C ARG B 123 7.15 20.54 5.46
N SER B 124 5.83 20.41 5.57
CA SER B 124 4.91 21.48 5.19
C SER B 124 4.81 22.63 6.21
N GLU B 125 4.79 22.28 7.51
CA GLU B 125 4.51 23.25 8.61
C GLU B 125 5.77 23.89 9.22
N HIS B 126 6.95 23.32 8.99
CA HIS B 126 8.20 23.98 9.40
C HIS B 126 8.43 25.08 8.37
#